data_3PP8
#
_entry.id   3PP8
#
_cell.length_a   40.495
_cell.length_b   139.371
_cell.length_c   111.043
_cell.angle_alpha   90.00
_cell.angle_beta   90.00
_cell.angle_gamma   90.00
#
_symmetry.space_group_name_H-M   'C 2 2 21'
#
loop_
_entity.id
_entity.type
_entity.pdbx_description
1 polymer 'Glyoxylate/hydroxypyruvate reductase A'
2 water water
#
_entity_poly.entity_id   1
_entity_poly.type   'polypeptide(L)'
_entity_poly.pdbx_seq_one_letter_code
;SNA(MSE)EIIFYHPTFNAAWWVNALEKALPHARVREWKVGDNNPADYALVWQPPVE(MSE)LAGRRLKAVFVLGAGVDA
ILSKLNAHPE(MSE)LDASIPLFRLEDTG(MSE)GLQ(MSE)QEYAVSQVLHWFRRFDDYQALKNQALWKPLPEYTREEF
SVGI(MSE)GAGVLGAKVAESLQAWGFPLRCWSRSRKSWPGVESYVGREELRAFLNQTRVLINLLPNTAQTVGIINSELL
DQLPDGAYVLNLARGVHVQEADLLAALDSGKLKGA(MSE)LDVFSQEPLPQESPLWRHPRVA(MSE)TPHIAAVTRPAEA
IDYISRTITQLEKGEPVTGQVDRARGY
;
_entity_poly.pdbx_strand_id   A
#
# COMPACT_ATOMS: atom_id res chain seq x y z
N SER A 1 -11.82 29.74 25.88
CA SER A 1 -12.92 28.72 26.03
C SER A 1 -12.66 27.72 27.18
N ASN A 2 -11.65 26.85 27.05
CA ASN A 2 -10.75 26.80 25.90
C ASN A 2 -10.27 25.35 25.60
N ALA A 3 -11.13 24.37 25.86
CA ALA A 3 -10.80 22.96 25.66
C ALA A 3 -10.62 22.57 24.19
N GLU A 5 -11.09 20.35 21.15
CA GLU A 5 -12.03 19.30 20.74
C GLU A 5 -11.52 18.54 19.53
N ILE A 6 -11.45 17.22 19.66
CA ILE A 6 -11.00 16.33 18.58
C ILE A 6 -12.12 15.35 18.26
N ILE A 7 -12.34 15.10 16.97
CA ILE A 7 -13.37 14.15 16.55
C ILE A 7 -12.67 13.07 15.74
N PHE A 8 -13.20 11.87 15.81
CA PHE A 8 -12.59 10.71 15.20
C PHE A 8 -13.62 9.90 14.43
N TYR A 9 -13.24 9.46 13.22
CA TYR A 9 -14.09 8.60 12.37
C TYR A 9 -13.28 7.60 11.53
N HIS A 10 -13.59 6.31 11.69
CA HIS A 10 -12.97 5.26 10.88
C HIS A 10 -14.03 4.17 10.58
N PRO A 11 -14.08 3.72 9.32
CA PRO A 11 -15.11 2.74 8.98
C PRO A 11 -15.02 1.38 9.68
N THR A 12 -13.82 0.90 10.01
CA THR A 12 -13.70 -0.43 10.60
C THR A 12 -12.81 -0.58 11.84
N PHE A 13 -12.08 0.46 12.22
CA PHE A 13 -11.22 0.38 13.42
C PHE A 13 -12.07 0.48 14.68
N ASN A 14 -11.51 0.05 15.80
CA ASN A 14 -12.21 0.16 17.07
C ASN A 14 -12.13 1.60 17.59
N ALA A 15 -13.19 2.36 17.35
CA ALA A 15 -13.25 3.75 17.76
C ALA A 15 -12.90 3.94 19.24
N ALA A 16 -13.41 3.06 20.09
CA ALA A 16 -13.17 3.15 21.54
C ALA A 16 -11.69 3.07 21.88
N TRP A 17 -10.99 2.11 21.28
CA TRP A 17 -9.58 1.93 21.50
C TRP A 17 -8.78 3.17 21.08
N TRP A 18 -9.17 3.76 19.94
CA TRP A 18 -8.46 4.95 19.41
C TRP A 18 -8.77 6.21 20.21
N VAL A 19 -10.03 6.39 20.57
CA VAL A 19 -10.44 7.52 21.39
C VAL A 19 -9.62 7.50 22.68
N ASN A 20 -9.49 6.32 23.28
CA ASN A 20 -8.75 6.14 24.54
C ASN A 20 -7.26 6.51 24.43
N ALA A 21 -6.58 5.90 23.47
CA ALA A 21 -5.16 6.13 23.27
C ALA A 21 -4.93 7.60 23.00
N LEU A 22 -5.87 8.24 22.31
CA LEU A 22 -5.83 9.67 22.00
C LEU A 22 -5.98 10.49 23.26
N GLU A 23 -6.88 10.07 24.13
CA GLU A 23 -7.09 10.78 25.40
C GLU A 23 -5.84 10.77 26.25
N LYS A 24 -5.13 9.66 26.26
CA LYS A 24 -3.93 9.53 27.06
C LYS A 24 -2.74 10.26 26.43
N ALA A 25 -2.75 10.37 25.10
CA ALA A 25 -1.66 11.01 24.37
C ALA A 25 -1.78 12.52 24.46
N LEU A 26 -3.02 13.01 24.38
CA LEU A 26 -3.34 14.43 24.55
C LEU A 26 -4.36 14.53 25.71
N PRO A 27 -3.90 14.36 26.97
CA PRO A 27 -4.76 14.38 28.17
C PRO A 27 -5.60 15.64 28.30
N HIS A 28 -5.05 16.74 27.80
CA HIS A 28 -5.71 18.04 27.83
C HIS A 28 -6.77 18.19 26.74
N ALA A 29 -7.00 17.15 25.93
CA ALA A 29 -8.01 17.19 24.87
C ALA A 29 -9.30 16.40 25.20
N ARG A 30 -10.39 16.87 24.60
CA ARG A 30 -11.66 16.17 24.62
C ARG A 30 -11.77 15.52 23.26
N VAL A 31 -11.79 14.19 23.25
CA VAL A 31 -11.86 13.42 22.04
C VAL A 31 -13.19 12.68 22.00
N ARG A 32 -13.77 12.57 20.83
CA ARG A 32 -15.02 11.85 20.71
C ARG A 32 -15.14 11.25 19.34
N GLU A 33 -15.79 10.10 19.27
CA GLU A 33 -16.04 9.44 18.02
C GLU A 33 -17.14 10.23 17.36
N TRP A 34 -16.99 10.55 16.08
CA TRP A 34 -18.05 11.25 15.37
C TRP A 34 -19.14 10.28 14.89
N LYS A 35 -20.40 10.67 15.12
CA LYS A 35 -21.57 9.91 14.65
C LYS A 35 -22.47 10.88 13.87
N VAL A 36 -23.20 10.34 12.88
CA VAL A 36 -24.09 11.16 12.05
C VAL A 36 -24.96 12.06 12.93
N GLY A 37 -25.09 13.32 12.53
CA GLY A 37 -25.87 14.29 13.30
C GLY A 37 -25.04 15.09 14.29
N ASP A 38 -23.76 14.77 14.44
CA ASP A 38 -22.89 15.50 15.38
C ASP A 38 -22.29 16.72 14.70
N ASN A 39 -22.90 17.89 14.92
CA ASN A 39 -22.40 19.14 14.36
C ASN A 39 -21.90 20.09 15.43
N ASN A 40 -21.39 19.54 16.52
CA ASN A 40 -20.85 20.35 17.59
C ASN A 40 -19.40 20.64 17.24
N PRO A 41 -18.90 21.84 17.54
CA PRO A 41 -17.55 22.18 17.09
C PRO A 41 -16.45 21.16 17.42
N ALA A 42 -15.39 21.20 16.62
CA ALA A 42 -14.17 20.41 16.81
C ALA A 42 -13.03 21.27 16.30
N ASP A 43 -11.82 20.98 16.76
CA ASP A 43 -10.64 21.71 16.34
C ASP A 43 -9.83 20.86 15.33
N TYR A 44 -9.82 19.55 15.57
CA TYR A 44 -9.09 18.60 14.74
C TYR A 44 -9.93 17.38 14.44
N ALA A 45 -9.82 16.88 13.22
CA ALA A 45 -10.58 15.72 12.75
C ALA A 45 -9.65 14.61 12.29
N LEU A 46 -9.84 13.42 12.85
CA LEU A 46 -9.08 12.23 12.45
C LEU A 46 -10.04 11.35 11.64
N VAL A 47 -9.70 11.12 10.38
CA VAL A 47 -10.64 10.43 9.50
C VAL A 47 -10.06 9.47 8.47
N TRP A 48 -10.92 8.52 8.10
CA TRP A 48 -10.67 7.61 7.00
C TRP A 48 -12.04 7.45 6.33
N GLN A 49 -12.06 7.53 5.00
CA GLN A 49 -13.31 7.47 4.22
C GLN A 49 -14.44 8.23 4.88
N PRO A 50 -14.17 9.48 5.27
CA PRO A 50 -15.19 10.28 5.92
C PRO A 50 -16.36 10.59 5.00
N PRO A 51 -17.57 10.63 5.54
CA PRO A 51 -18.69 11.07 4.74
C PRO A 51 -18.63 12.58 4.70
N VAL A 52 -19.22 13.16 3.66
CA VAL A 52 -19.25 14.61 3.47
C VAL A 52 -19.74 15.39 4.70
N GLU A 53 -20.90 14.99 5.24
N GLU A 53 -20.90 14.95 5.22
CA GLU A 53 -21.51 15.72 6.37
CA GLU A 53 -21.55 15.58 6.38
C GLU A 53 -20.65 15.80 7.63
C GLU A 53 -20.66 15.77 7.60
N LEU A 55 -17.35 16.58 7.59
CA LEU A 55 -16.45 17.73 7.40
C LEU A 55 -17.06 18.98 6.72
N ALA A 56 -18.21 18.86 6.09
CA ALA A 56 -18.82 20.03 5.40
C ALA A 56 -19.17 21.18 6.37
N GLY A 57 -18.73 22.37 6.03
CA GLY A 57 -19.00 23.57 6.83
C GLY A 57 -18.24 23.66 8.14
N ARG A 58 -17.38 22.69 8.44
CA ARG A 58 -16.61 22.73 9.69
C ARG A 58 -15.44 23.71 9.62
N ARG A 59 -15.23 24.44 10.72
CA ARG A 59 -14.03 25.27 10.86
C ARG A 59 -13.12 24.39 11.70
N LEU A 60 -11.98 24.01 11.13
CA LEU A 60 -11.03 23.09 11.77
C LEU A 60 -9.62 23.61 11.67
N LYS A 61 -8.79 23.28 12.63
CA LYS A 61 -7.39 23.66 12.55
C LYS A 61 -6.59 22.67 11.68
N ALA A 62 -7.05 21.42 11.58
CA ALA A 62 -6.42 20.42 10.73
C ALA A 62 -7.20 19.13 10.65
N VAL A 63 -7.05 18.43 9.52
CA VAL A 63 -7.60 17.11 9.35
C VAL A 63 -6.44 16.12 9.18
N PHE A 64 -6.54 14.99 9.88
CA PHE A 64 -5.54 13.91 9.81
C PHE A 64 -6.14 12.69 9.15
N VAL A 65 -5.53 12.28 8.06
CA VAL A 65 -5.99 11.10 7.35
C VAL A 65 -5.35 9.88 8.00
N LEU A 66 -6.19 8.95 8.43
CA LEU A 66 -5.71 7.77 9.15
C LEU A 66 -5.13 6.71 8.22
N GLY A 67 -3.98 7.04 7.64
CA GLY A 67 -3.28 6.12 6.76
C GLY A 67 -2.53 6.88 5.70
N ALA A 68 -1.64 6.17 5.02
CA ALA A 68 -0.94 6.71 3.87
C ALA A 68 -1.87 6.33 2.73
N GLY A 69 -1.98 7.19 1.73
CA GLY A 69 -2.90 6.95 0.62
C GLY A 69 -3.93 8.05 0.69
N VAL A 70 -3.55 9.22 0.19
CA VAL A 70 -4.40 10.39 0.19
C VAL A 70 -5.19 10.51 -1.12
N ASP A 71 -4.99 9.55 -2.02
CA ASP A 71 -5.67 9.58 -3.31
C ASP A 71 -7.19 9.50 -3.19
N ALA A 72 -7.67 8.60 -2.35
CA ALA A 72 -9.12 8.44 -2.14
C ALA A 72 -9.76 9.74 -1.63
N ILE A 73 -9.24 10.29 -0.53
CA ILE A 73 -9.81 11.50 0.06
C ILE A 73 -9.69 12.73 -0.84
N LEU A 74 -8.51 12.94 -1.44
CA LEU A 74 -8.32 14.08 -2.33
C LEU A 74 -9.37 14.13 -3.47
N SER A 75 -9.70 12.98 -4.04
CA SER A 75 -10.69 12.90 -5.11
C SER A 75 -12.09 13.18 -4.59
N LYS A 76 -12.40 12.76 -3.36
CA LYS A 76 -13.73 13.07 -2.79
C LYS A 76 -13.79 14.59 -2.55
N LEU A 77 -12.70 15.16 -2.01
CA LEU A 77 -12.62 16.61 -1.77
C LEU A 77 -12.63 17.41 -3.10
N ASN A 78 -11.92 16.89 -4.11
CA ASN A 78 -11.81 17.56 -5.42
C ASN A 78 -13.11 17.43 -6.23
N ALA A 79 -13.87 16.38 -5.96
CA ALA A 79 -15.17 16.14 -6.61
C ALA A 79 -16.27 16.78 -5.75
N HIS A 80 -15.89 17.20 -4.55
CA HIS A 80 -16.78 17.88 -3.64
C HIS A 80 -16.00 19.05 -3.03
N PRO A 81 -15.69 20.08 -3.84
CA PRO A 81 -14.93 21.22 -3.31
C PRO A 81 -15.53 21.80 -2.02
N GLU A 82 -16.78 21.43 -1.73
CA GLU A 82 -17.51 21.90 -0.55
C GLU A 82 -17.33 21.06 0.72
N LEU A 84 -14.33 20.29 2.41
CA LEU A 84 -13.37 20.84 3.35
C LEU A 84 -12.86 22.18 2.86
N ASP A 85 -13.06 23.23 3.66
CA ASP A 85 -12.59 24.55 3.30
C ASP A 85 -11.14 24.36 2.93
N ALA A 86 -10.79 24.78 1.72
CA ALA A 86 -9.47 24.59 1.17
C ALA A 86 -8.32 25.28 1.95
N SER A 87 -8.63 26.08 2.96
CA SER A 87 -7.57 26.70 3.78
C SER A 87 -7.11 25.76 4.90
N ILE A 88 -7.89 24.70 5.16
CA ILE A 88 -7.60 23.78 6.28
C ILE A 88 -6.47 22.79 5.94
N PRO A 89 -5.42 22.74 6.77
CA PRO A 89 -4.37 21.78 6.37
C PRO A 89 -4.79 20.32 6.54
N LEU A 90 -4.30 19.49 5.63
CA LEU A 90 -4.58 18.08 5.59
C LEU A 90 -3.28 17.35 5.80
N PHE A 91 -3.30 16.33 6.66
CA PHE A 91 -2.10 15.55 6.97
C PHE A 91 -2.26 14.05 6.78
N ARG A 92 -1.14 13.38 6.59
CA ARG A 92 -1.14 11.93 6.44
C ARG A 92 -0.02 11.34 7.29
N LEU A 93 -0.20 10.07 7.66
CA LEU A 93 0.77 9.37 8.50
C LEU A 93 2.13 9.14 7.82
N THR A 96 6.70 7.26 3.95
CA THR A 96 5.96 6.48 4.94
C THR A 96 6.93 5.55 5.72
N GLY A 97 6.89 5.63 7.05
CA GLY A 97 7.77 4.81 7.90
C GLY A 97 7.29 3.39 8.14
N GLY A 99 8.64 0.73 5.89
CA GLY A 99 9.54 -0.04 5.07
C GLY A 99 9.74 -1.42 5.66
N LEU A 100 9.87 -1.47 6.99
CA LEU A 100 10.06 -2.73 7.68
C LEU A 100 8.93 -3.71 7.35
N GLN A 101 7.69 -3.28 7.47
CA GLN A 101 6.53 -4.13 7.17
C GLN A 101 6.53 -4.71 5.76
N GLN A 103 9.21 -4.98 3.94
CA GLN A 103 10.36 -5.88 3.86
C GLN A 103 10.01 -7.31 4.36
N GLU A 104 9.34 -7.38 5.51
CA GLU A 104 8.94 -8.65 6.06
C GLU A 104 8.12 -9.45 5.06
N TYR A 105 7.12 -8.76 4.47
CA TYR A 105 6.19 -9.39 3.55
C TYR A 105 6.91 -9.91 2.32
N ALA A 106 7.67 -9.01 1.68
CA ALA A 106 8.38 -9.35 0.45
C ALA A 106 9.46 -10.38 0.67
N VAL A 107 10.25 -10.21 1.73
CA VAL A 107 11.30 -11.18 1.93
C VAL A 107 10.67 -12.56 2.17
N SER A 108 9.64 -12.63 3.01
CA SER A 108 9.05 -13.95 3.28
C SER A 108 8.55 -14.65 1.99
N GLN A 109 7.83 -13.91 1.16
CA GLN A 109 7.19 -14.47 -0.02
C GLN A 109 8.15 -14.75 -1.15
N VAL A 110 9.14 -13.89 -1.36
CA VAL A 110 10.10 -14.11 -2.42
C VAL A 110 10.89 -15.37 -2.08
N LEU A 111 11.26 -15.53 -0.82
CA LEU A 111 11.95 -16.77 -0.40
C LEU A 111 11.01 -17.98 -0.51
N HIS A 112 9.76 -17.79 -0.15
CA HIS A 112 8.75 -18.84 -0.21
C HIS A 112 8.70 -19.40 -1.62
N TRP A 113 8.62 -18.49 -2.58
CA TRP A 113 8.59 -18.88 -3.97
C TRP A 113 9.92 -19.45 -4.41
N PHE A 114 11.01 -18.83 -4.02
CA PHE A 114 12.34 -19.30 -4.43
C PHE A 114 12.60 -20.76 -3.98
N ARG A 115 12.17 -21.08 -2.77
CA ARG A 115 12.34 -22.42 -2.23
C ARG A 115 11.18 -23.37 -2.57
N ARG A 116 10.30 -22.95 -3.48
CA ARG A 116 9.18 -23.73 -3.98
C ARG A 116 8.18 -24.28 -2.94
N PHE A 117 7.97 -23.55 -1.86
CA PHE A 117 7.05 -23.95 -0.83
C PHE A 117 5.62 -24.07 -1.39
N ASP A 118 5.32 -23.27 -2.41
CA ASP A 118 4.03 -23.36 -3.07
C ASP A 118 3.91 -24.71 -3.75
N ASP A 119 4.93 -25.10 -4.50
CA ASP A 119 4.96 -26.43 -5.13
C ASP A 119 4.89 -27.53 -4.09
N TYR A 120 5.67 -27.38 -3.03
CA TYR A 120 5.67 -28.41 -1.98
C TYR A 120 4.34 -28.56 -1.26
N GLN A 121 3.64 -27.45 -1.07
CA GLN A 121 2.30 -27.51 -0.51
C GLN A 121 1.34 -28.34 -1.42
N ALA A 122 1.46 -28.16 -2.74
CA ALA A 122 0.58 -28.89 -3.68
C ALA A 122 0.94 -30.36 -3.65
N LEU A 123 2.22 -30.63 -3.51
CA LEU A 123 2.71 -31.99 -3.45
C LEU A 123 2.23 -32.61 -2.14
N LYS A 124 2.18 -31.82 -1.07
CA LYS A 124 1.67 -32.31 0.20
C LYS A 124 0.21 -32.71 0.09
N ASN A 125 -0.56 -31.86 -0.56
CA ASN A 125 -1.98 -32.06 -0.73
C ASN A 125 -2.24 -33.31 -1.56
N GLN A 126 -1.24 -33.77 -2.32
CA GLN A 126 -1.34 -35.03 -3.10
C GLN A 126 -0.58 -36.16 -2.42
N ALA A 127 -0.09 -35.92 -1.21
CA ALA A 127 0.64 -36.95 -0.46
C ALA A 127 1.74 -37.57 -1.30
N LEU A 128 2.46 -36.74 -2.02
CA LEU A 128 3.51 -37.19 -2.93
C LEU A 128 4.85 -36.60 -2.49
N TRP A 129 5.76 -37.48 -2.15
CA TRP A 129 7.09 -37.12 -1.70
C TRP A 129 7.89 -36.92 -2.97
N LYS A 130 8.31 -35.69 -3.23
CA LYS A 130 9.02 -35.43 -4.48
C LYS A 130 9.95 -34.23 -4.37
N PRO A 131 11.22 -34.49 -4.01
CA PRO A 131 12.11 -33.34 -4.00
C PRO A 131 12.18 -32.71 -5.40
N LEU A 132 12.05 -31.40 -5.50
CA LEU A 132 12.03 -30.77 -6.82
C LEU A 132 13.36 -30.12 -7.18
N PRO A 133 13.59 -29.92 -8.48
CA PRO A 133 14.82 -29.22 -8.84
C PRO A 133 14.89 -27.85 -8.16
N GLU A 134 16.09 -27.44 -7.79
CA GLU A 134 16.30 -26.18 -7.11
C GLU A 134 16.48 -25.03 -8.10
N TYR A 135 16.02 -23.84 -7.72
CA TYR A 135 16.16 -22.68 -8.61
C TYR A 135 17.45 -21.98 -8.26
N THR A 136 18.15 -21.51 -9.27
CA THR A 136 19.38 -20.76 -9.07
C THR A 136 19.00 -19.33 -8.71
N ARG A 137 19.85 -18.65 -7.97
CA ARG A 137 19.63 -17.25 -7.68
C ARG A 137 19.65 -16.43 -8.95
N GLU A 138 20.52 -16.82 -9.87
CA GLU A 138 20.67 -16.11 -11.12
C GLU A 138 19.36 -16.02 -11.88
N GLU A 139 18.63 -17.13 -11.99
CA GLU A 139 17.35 -17.14 -12.73
C GLU A 139 16.19 -16.55 -11.91
N PHE A 140 16.47 -16.17 -10.66
CA PHE A 140 15.41 -15.69 -9.77
C PHE A 140 15.57 -14.21 -9.51
N SER A 141 15.48 -13.45 -10.60
CA SER A 141 15.65 -12.02 -10.57
C SER A 141 14.39 -11.34 -10.07
N VAL A 142 14.59 -10.29 -9.25
CA VAL A 142 13.49 -9.50 -8.69
C VAL A 142 13.43 -8.17 -9.41
N GLY A 143 12.22 -7.77 -9.80
CA GLY A 143 11.97 -6.51 -10.48
C GLY A 143 10.95 -5.74 -9.70
N ILE A 144 11.36 -4.59 -9.19
CA ILE A 144 10.47 -3.74 -8.40
C ILE A 144 10.01 -2.54 -9.21
N GLY A 146 8.33 0.99 -9.15
CA GLY A 146 8.03 2.10 -8.27
C GLY A 146 9.27 2.65 -7.57
N ALA A 147 9.40 3.97 -7.56
CA ALA A 147 10.47 4.64 -6.81
C ALA A 147 9.89 4.99 -5.44
N GLY A 148 10.66 5.60 -4.59
CA GLY A 148 10.11 5.85 -3.27
C GLY A 148 10.74 4.90 -2.29
N VAL A 149 10.64 5.25 -1.01
CA VAL A 149 11.29 4.49 0.03
C VAL A 149 10.89 3.02 0.12
N LEU A 150 9.59 2.72 -0.02
CA LEU A 150 9.13 1.35 0.13
C LEU A 150 9.85 0.44 -0.87
N GLY A 151 9.81 0.82 -2.13
CA GLY A 151 10.54 0.10 -3.15
C GLY A 151 12.01 0.02 -2.83
N ALA A 152 12.60 1.11 -2.34
CA ALA A 152 14.02 1.14 -2.05
C ALA A 152 14.35 0.20 -0.89
N LYS A 153 13.51 0.19 0.13
CA LYS A 153 13.69 -0.70 1.28
C LYS A 153 13.58 -2.16 0.83
N VAL A 154 12.51 -2.49 0.10
CA VAL A 154 12.31 -3.86 -0.38
C VAL A 154 13.50 -4.31 -1.23
N ALA A 155 14.01 -3.44 -2.11
CA ALA A 155 15.15 -3.82 -2.92
C ALA A 155 16.35 -4.09 -2.02
N GLU A 156 16.58 -3.18 -1.07
CA GLU A 156 17.71 -3.36 -0.17
C GLU A 156 17.67 -4.71 0.53
N SER A 157 16.52 -5.07 1.07
CA SER A 157 16.41 -6.30 1.82
C SER A 157 16.51 -7.55 0.92
N LEU A 158 16.13 -7.45 -0.35
CA LEU A 158 16.20 -8.63 -1.23
C LEU A 158 17.59 -8.84 -1.84
N GLN A 159 18.33 -7.75 -2.12
N GLN A 159 18.34 -7.76 -2.11
CA GLN A 159 19.69 -7.88 -2.66
CA GLN A 159 19.71 -7.92 -2.63
C GLN A 159 20.64 -8.48 -1.62
C GLN A 159 20.55 -8.63 -1.62
N ALA A 160 20.30 -8.33 -0.35
CA ALA A 160 21.07 -8.90 0.75
C ALA A 160 21.03 -10.44 0.70
N TRP A 161 19.98 -11.01 0.10
CA TRP A 161 19.85 -12.45 -0.11
C TRP A 161 20.51 -12.90 -1.42
N GLY A 162 21.12 -11.97 -2.14
CA GLY A 162 21.81 -12.30 -3.37
C GLY A 162 20.96 -12.47 -4.62
N PHE A 163 19.73 -11.96 -4.63
CA PHE A 163 18.94 -12.01 -5.87
C PHE A 163 19.35 -10.86 -6.79
N PRO A 164 19.40 -11.12 -8.09
CA PRO A 164 19.64 -10.01 -9.01
C PRO A 164 18.45 -9.05 -8.92
N LEU A 165 18.73 -7.75 -8.75
CA LEU A 165 17.67 -6.78 -8.62
C LEU A 165 17.64 -5.69 -9.64
N ARG A 166 16.42 -5.39 -10.08
CA ARG A 166 16.15 -4.31 -11.03
C ARG A 166 14.97 -3.52 -10.55
N CYS A 167 14.92 -2.25 -10.91
CA CYS A 167 13.77 -1.41 -10.60
C CYS A 167 13.38 -0.63 -11.85
N TRP A 168 12.11 -0.30 -11.90
CA TRP A 168 11.54 0.45 -12.97
C TRP A 168 10.67 1.54 -12.41
N SER A 169 10.87 2.74 -12.91
CA SER A 169 10.08 3.88 -12.51
C SER A 169 10.02 4.85 -13.71
N ARG A 170 9.18 5.87 -13.62
CA ARG A 170 9.21 6.89 -14.68
C ARG A 170 10.41 7.80 -14.50
N SER A 171 10.87 7.97 -13.27
CA SER A 171 12.02 8.85 -13.02
C SER A 171 13.28 8.03 -12.82
N ARG A 172 14.41 8.52 -13.34
CA ARG A 172 15.67 7.79 -13.20
C ARG A 172 16.13 7.81 -11.75
N LYS A 173 16.71 6.70 -11.32
CA LYS A 173 17.04 6.43 -9.93
C LYS A 173 18.42 5.76 -9.82
N SER A 174 18.97 5.72 -8.61
CA SER A 174 20.24 5.04 -8.39
C SER A 174 20.32 4.37 -7.03
N TRP A 175 19.63 3.25 -6.89
CA TRP A 175 19.70 2.48 -5.67
C TRP A 175 20.90 1.52 -5.72
N PRO A 176 21.68 1.48 -4.64
CA PRO A 176 22.86 0.60 -4.59
C PRO A 176 22.56 -0.88 -4.91
N GLY A 177 23.32 -1.43 -5.85
CA GLY A 177 23.19 -2.84 -6.24
C GLY A 177 21.92 -3.18 -6.99
N VAL A 178 21.40 -2.22 -7.75
CA VAL A 178 20.13 -2.39 -8.48
C VAL A 178 20.22 -1.76 -9.87
N GLU A 179 19.88 -2.50 -10.92
CA GLU A 179 19.88 -1.93 -12.27
C GLU A 179 18.60 -1.10 -12.43
N SER A 180 18.75 0.19 -12.69
CA SER A 180 17.63 1.12 -12.79
C SER A 180 17.10 1.29 -14.23
N TYR A 181 15.81 1.05 -14.41
CA TYR A 181 15.14 1.16 -15.71
C TYR A 181 14.12 2.29 -15.61
N VAL A 182 14.07 3.09 -16.65
CA VAL A 182 13.29 4.31 -16.65
C VAL A 182 12.43 4.51 -17.87
N GLY A 183 11.16 4.78 -17.63
CA GLY A 183 10.21 5.09 -18.67
C GLY A 183 9.65 3.90 -19.41
N ARG A 184 8.51 4.12 -20.06
CA ARG A 184 7.86 3.09 -20.87
C ARG A 184 8.81 2.58 -21.95
N GLU A 185 9.84 3.37 -22.24
CA GLU A 185 10.84 2.98 -23.24
C GLU A 185 11.69 1.78 -22.80
N GLU A 186 11.93 1.66 -21.50
CA GLU A 186 12.78 0.61 -20.98
C GLU A 186 11.99 -0.45 -20.21
N LEU A 187 10.66 -0.32 -20.21
CA LEU A 187 9.81 -1.25 -19.51
C LEU A 187 9.96 -2.68 -20.05
N ARG A 188 9.97 -2.88 -21.36
CA ARG A 188 10.09 -4.25 -21.88
C ARG A 188 11.41 -4.91 -21.45
N ALA A 189 12.54 -4.23 -21.66
CA ALA A 189 13.84 -4.76 -21.22
C ALA A 189 13.80 -5.20 -19.74
N PHE A 190 13.19 -4.38 -18.90
CA PHE A 190 13.01 -4.66 -17.46
C PHE A 190 12.18 -5.91 -17.19
N LEU A 191 11.04 -6.00 -17.87
CA LEU A 191 10.11 -7.12 -17.70
C LEU A 191 10.71 -8.41 -18.22
N ASN A 192 11.37 -8.35 -19.38
CA ASN A 192 11.96 -9.53 -19.97
C ASN A 192 12.92 -10.25 -19.03
N GLN A 193 13.61 -9.52 -18.18
CA GLN A 193 14.59 -10.11 -17.29
C GLN A 193 14.14 -10.37 -15.86
N THR A 194 12.84 -10.21 -15.59
CA THR A 194 12.33 -10.26 -14.22
C THR A 194 11.51 -11.49 -13.94
N ARG A 195 11.99 -12.35 -13.05
CA ARG A 195 11.26 -13.57 -12.63
C ARG A 195 10.17 -13.23 -11.60
N VAL A 196 10.49 -12.38 -10.64
CA VAL A 196 9.52 -11.94 -9.61
C VAL A 196 9.26 -10.44 -9.72
N LEU A 197 8.03 -10.10 -10.13
CA LEU A 197 7.62 -8.73 -10.33
C LEU A 197 6.93 -8.27 -9.07
N ILE A 198 7.48 -7.23 -8.46
CA ILE A 198 6.92 -6.65 -7.25
C ILE A 198 6.44 -5.26 -7.56
N ASN A 199 5.15 -5.02 -7.36
CA ASN A 199 4.58 -3.72 -7.63
C ASN A 199 4.51 -2.88 -6.37
N LEU A 200 5.33 -1.83 -6.34
CA LEU A 200 5.28 -0.85 -5.25
C LEU A 200 5.07 0.62 -5.77
N LEU A 201 4.45 0.74 -6.93
CA LEU A 201 4.14 2.04 -7.50
C LEU A 201 3.18 2.88 -6.66
N PRO A 202 3.62 4.09 -6.24
CA PRO A 202 2.56 5.01 -5.76
C PRO A 202 1.71 5.20 -7.02
N ASN A 203 0.43 5.54 -6.93
CA ASN A 203 -0.39 5.55 -8.18
C ASN A 203 -0.13 6.76 -9.07
N THR A 204 -0.66 6.65 -10.28
CA THR A 204 -0.57 7.70 -11.25
C THR A 204 -1.64 7.33 -12.27
N ALA A 205 -2.08 8.35 -13.02
CA ALA A 205 -3.06 8.14 -14.10
C ALA A 205 -2.41 7.20 -15.11
N GLN A 206 -1.07 7.35 -15.22
CA GLN A 206 -0.28 6.60 -16.16
C GLN A 206 0.07 5.18 -15.73
N THR A 207 -0.45 4.70 -14.60
CA THR A 207 -0.18 3.30 -14.23
C THR A 207 -1.47 2.48 -14.00
N VAL A 208 -2.63 3.07 -14.26
CA VAL A 208 -3.89 2.36 -14.07
C VAL A 208 -3.95 1.14 -14.98
N GLY A 209 -4.22 -0.02 -14.40
CA GLY A 209 -4.30 -1.26 -15.16
C GLY A 209 -3.01 -1.63 -15.86
N ILE A 210 -1.87 -1.11 -15.36
CA ILE A 210 -0.56 -1.33 -16.00
C ILE A 210 -0.20 -2.78 -16.03
N ILE A 211 -0.60 -3.50 -15.00
CA ILE A 211 -0.35 -4.92 -14.99
C ILE A 211 -1.53 -5.57 -15.67
N ASN A 212 -1.41 -5.62 -16.99
CA ASN A 212 -2.38 -6.25 -17.85
C ASN A 212 -1.61 -7.23 -18.77
N SER A 213 -2.31 -7.81 -19.75
CA SER A 213 -1.71 -8.86 -20.57
C SER A 213 -0.52 -8.35 -21.38
N GLU A 214 -0.59 -7.11 -21.83
CA GLU A 214 0.53 -6.52 -22.56
C GLU A 214 1.84 -6.53 -21.72
N LEU A 215 1.71 -6.30 -20.41
CA LEU A 215 2.86 -6.36 -19.50
C LEU A 215 3.19 -7.81 -19.13
N LEU A 216 2.18 -8.60 -18.81
CA LEU A 216 2.40 -9.97 -18.40
C LEU A 216 3.07 -10.77 -19.53
N ASP A 217 2.68 -10.48 -20.77
CA ASP A 217 3.33 -11.11 -21.93
C ASP A 217 4.86 -10.90 -22.01
N GLN A 218 5.40 -9.83 -21.42
CA GLN A 218 6.86 -9.58 -21.49
C GLN A 218 7.65 -10.27 -20.37
N LEU A 219 6.95 -10.79 -19.35
CA LEU A 219 7.60 -11.53 -18.27
C LEU A 219 8.00 -12.89 -18.84
N PRO A 220 9.07 -13.49 -18.30
CA PRO A 220 9.42 -14.83 -18.73
C PRO A 220 8.40 -15.79 -18.14
N ASP A 221 8.10 -16.91 -18.81
CA ASP A 221 7.16 -17.91 -18.27
C ASP A 221 7.60 -18.35 -16.89
N GLY A 222 6.66 -18.77 -16.05
CA GLY A 222 7.00 -19.20 -14.70
C GLY A 222 7.32 -18.03 -13.75
N ALA A 223 6.81 -16.86 -14.08
CA ALA A 223 7.07 -15.67 -13.27
C ALA A 223 6.05 -15.58 -12.15
N TYR A 224 6.27 -14.59 -11.30
CA TYR A 224 5.38 -14.31 -10.19
C TYR A 224 5.07 -12.83 -10.08
N VAL A 225 3.89 -12.55 -9.56
CA VAL A 225 3.48 -11.17 -9.30
C VAL A 225 3.13 -11.00 -7.83
N LEU A 226 3.75 -10.00 -7.22
CA LEU A 226 3.47 -9.64 -5.84
C LEU A 226 2.96 -8.21 -5.90
N ASN A 227 1.67 -8.03 -5.60
CA ASN A 227 1.08 -6.70 -5.62
C ASN A 227 0.91 -6.11 -4.24
N LEU A 228 1.72 -5.09 -3.96
CA LEU A 228 1.72 -4.43 -2.68
C LEU A 228 1.34 -2.96 -2.79
N ALA A 229 0.94 -2.51 -3.97
CA ALA A 229 0.69 -1.09 -4.19
C ALA A 229 -0.79 -0.75 -4.29
N ARG A 230 -1.38 -0.82 -5.48
CA ARG A 230 -2.81 -0.49 -5.62
C ARG A 230 -3.55 -1.57 -6.44
N GLY A 231 -4.80 -1.81 -6.08
CA GLY A 231 -5.61 -2.81 -6.77
C GLY A 231 -5.83 -2.46 -8.22
N VAL A 232 -6.04 -1.17 -8.49
CA VAL A 232 -6.34 -0.73 -9.85
C VAL A 232 -5.13 -0.86 -10.80
N HIS A 233 -3.97 -1.16 -10.24
CA HIS A 233 -2.81 -1.40 -11.07
C HIS A 233 -2.94 -2.75 -11.77
N VAL A 234 -3.74 -3.66 -11.23
CA VAL A 234 -3.85 -4.99 -11.86
C VAL A 234 -5.18 -5.24 -12.57
N GLN A 235 -5.09 -5.65 -13.84
CA GLN A 235 -6.26 -6.07 -14.58
C GLN A 235 -6.45 -7.52 -14.14
N GLU A 236 -7.40 -7.75 -13.24
CA GLU A 236 -7.59 -9.08 -12.62
C GLU A 236 -7.87 -10.22 -13.60
N ALA A 237 -8.68 -9.96 -14.62
CA ALA A 237 -8.95 -10.96 -15.66
C ALA A 237 -7.67 -11.40 -16.39
N ASP A 238 -6.80 -10.44 -16.71
CA ASP A 238 -5.53 -10.75 -17.38
C ASP A 238 -4.58 -11.51 -16.48
N LEU A 239 -4.59 -11.21 -15.18
CA LEU A 239 -3.71 -11.90 -14.22
C LEU A 239 -4.08 -13.37 -14.19
N LEU A 240 -5.37 -13.61 -13.97
CA LEU A 240 -5.95 -14.97 -13.97
C LEU A 240 -5.64 -15.71 -15.25
N ALA A 241 -5.80 -15.04 -16.38
CA ALA A 241 -5.45 -15.66 -17.67
C ALA A 241 -3.96 -16.04 -17.69
N ALA A 242 -3.07 -15.19 -17.17
CA ALA A 242 -1.64 -15.47 -17.16
C ALA A 242 -1.32 -16.66 -16.21
N LEU A 243 -2.06 -16.75 -15.11
CA LEU A 243 -1.90 -17.87 -14.19
C LEU A 243 -2.42 -19.15 -14.86
N ASP A 244 -3.51 -19.04 -15.61
CA ASP A 244 -4.05 -20.24 -16.23
C ASP A 244 -3.23 -20.79 -17.42
N SER A 245 -2.54 -19.90 -18.13
CA SER A 245 -1.68 -20.30 -19.25
C SER A 245 -0.27 -20.78 -18.85
N GLY A 246 0.15 -20.48 -17.62
CA GLY A 246 1.49 -20.85 -17.18
C GLY A 246 2.47 -19.71 -17.33
N LYS A 247 2.02 -18.57 -17.86
CA LYS A 247 2.90 -17.41 -17.94
C LYS A 247 3.34 -17.06 -16.52
N LEU A 248 2.38 -17.12 -15.59
CA LEU A 248 2.66 -16.89 -14.17
C LEU A 248 2.56 -18.19 -13.38
N LYS A 249 3.61 -18.55 -12.66
CA LYS A 249 3.56 -19.68 -11.73
C LYS A 249 2.68 -19.37 -10.50
N GLY A 250 2.76 -18.14 -9.99
CA GLY A 250 2.00 -17.76 -8.80
C GLY A 250 1.85 -16.26 -8.63
N ALA A 251 0.95 -15.86 -7.75
CA ALA A 251 0.77 -14.47 -7.44
C ALA A 251 0.40 -14.35 -5.97
N LEU A 253 -1.35 -11.20 -3.64
CA LEU A 253 -1.96 -9.89 -3.72
C LEU A 253 -2.41 -9.42 -2.34
N ASP A 254 -2.00 -8.21 -1.98
CA ASP A 254 -2.42 -7.61 -0.74
C ASP A 254 -3.47 -6.53 -1.02
N VAL A 255 -3.61 -6.17 -2.28
CA VAL A 255 -4.54 -5.09 -2.67
C VAL A 255 -5.31 -5.51 -3.89
N PHE A 256 -6.49 -4.92 -4.04
CA PHE A 256 -7.41 -5.32 -5.09
C PHE A 256 -8.19 -4.12 -5.64
N SER A 257 -8.63 -4.23 -6.89
CA SER A 257 -9.36 -3.16 -7.56
C SER A 257 -10.54 -2.72 -6.74
N GLN A 258 -11.19 -3.67 -6.08
CA GLN A 258 -12.28 -3.37 -5.18
C GLN A 258 -12.03 -4.09 -3.85
N GLU A 259 -12.09 -3.33 -2.74
CA GLU A 259 -11.81 -3.81 -1.37
C GLU A 259 -12.92 -3.40 -0.40
N PRO A 260 -13.48 -4.33 0.38
CA PRO A 260 -13.19 -5.76 0.40
C PRO A 260 -13.46 -6.38 -0.96
N LEU A 261 -12.61 -7.33 -1.37
CA LEU A 261 -12.79 -7.97 -2.64
C LEU A 261 -14.09 -8.73 -2.56
N PRO A 262 -15.01 -8.44 -3.49
CA PRO A 262 -16.27 -9.17 -3.42
C PRO A 262 -16.06 -10.67 -3.37
N GLN A 263 -16.89 -11.38 -2.58
CA GLN A 263 -16.82 -12.85 -2.50
C GLN A 263 -16.98 -13.51 -3.88
N GLU A 264 -17.62 -12.82 -4.80
CA GLU A 264 -17.83 -13.32 -6.14
C GLU A 264 -16.55 -13.44 -6.95
N SER A 265 -15.51 -12.68 -6.60
CA SER A 265 -14.32 -12.70 -7.40
C SER A 265 -13.64 -14.09 -7.47
N PRO A 266 -13.17 -14.50 -8.67
CA PRO A 266 -12.51 -15.78 -8.83
C PRO A 266 -11.15 -15.83 -8.19
N LEU A 267 -10.59 -14.68 -7.85
CA LEU A 267 -9.29 -14.64 -7.19
C LEU A 267 -9.32 -15.51 -5.92
N TRP A 268 -10.42 -15.41 -5.16
CA TRP A 268 -10.58 -16.16 -3.92
C TRP A 268 -10.40 -17.64 -4.19
N ARG A 269 -10.71 -18.02 -5.42
CA ARG A 269 -10.84 -19.41 -5.80
C ARG A 269 -9.61 -19.98 -6.50
N HIS A 270 -8.72 -19.13 -7.02
CA HIS A 270 -7.56 -19.64 -7.74
C HIS A 270 -6.55 -20.27 -6.78
N PRO A 271 -6.04 -21.48 -7.11
CA PRO A 271 -5.13 -22.21 -6.23
C PRO A 271 -3.72 -21.65 -6.18
N ARG A 272 -3.37 -20.81 -7.15
CA ARG A 272 -2.04 -20.23 -7.22
C ARG A 272 -2.00 -18.72 -7.01
N VAL A 273 -3.05 -18.21 -6.40
CA VAL A 273 -3.11 -16.84 -5.94
C VAL A 273 -3.10 -16.89 -4.42
N ALA A 274 -2.20 -16.16 -3.76
CA ALA A 274 -2.31 -16.01 -2.29
C ALA A 274 -2.87 -14.58 -2.07
N THR A 276 -3.99 -11.40 0.93
CA THR A 276 -4.07 -10.80 2.26
C THR A 276 -4.93 -9.52 2.15
N PRO A 277 -5.82 -9.28 3.14
CA PRO A 277 -6.80 -8.16 3.09
C PRO A 277 -6.23 -6.76 3.32
N HIS A 278 -5.29 -6.33 2.45
CA HIS A 278 -4.66 -5.01 2.56
C HIS A 278 -4.07 -4.75 3.95
N ILE A 279 -3.15 -5.62 4.35
CA ILE A 279 -2.48 -5.54 5.63
C ILE A 279 -0.94 -5.56 5.48
N ALA A 280 -0.44 -5.36 4.29
CA ALA A 280 0.99 -5.46 4.09
C ALA A 280 1.76 -4.54 5.02
N ALA A 281 1.28 -3.31 5.13
CA ALA A 281 1.96 -2.33 5.95
C ALA A 281 0.98 -1.35 6.57
N VAL A 282 0.47 -1.64 7.75
CA VAL A 282 -0.44 -0.71 8.39
C VAL A 282 0.37 0.05 9.42
N THR A 283 0.08 1.34 9.63
CA THR A 283 0.81 2.09 10.65
C THR A 283 0.29 1.63 12.00
N ARG A 284 1.19 1.30 12.91
CA ARG A 284 0.80 0.88 14.26
C ARG A 284 0.03 2.06 14.85
N PRO A 285 -1.11 1.79 15.50
CA PRO A 285 -1.86 2.89 16.12
C PRO A 285 -1.00 3.73 17.07
N ALA A 286 -0.08 3.10 17.79
CA ALA A 286 0.79 3.83 18.72
C ALA A 286 1.62 4.83 17.98
N GLU A 287 2.06 4.43 16.80
CA GLU A 287 2.88 5.26 15.99
C GLU A 287 1.99 6.36 15.40
N ALA A 288 0.82 5.96 14.89
CA ALA A 288 -0.13 6.90 14.30
C ALA A 288 -0.47 7.99 15.31
N ILE A 289 -0.79 7.56 16.54
CA ILE A 289 -1.14 8.46 17.63
C ILE A 289 0.02 9.38 18.01
N ASP A 290 1.24 8.84 18.03
CA ASP A 290 2.39 9.68 18.35
C ASP A 290 2.57 10.76 17.28
N TYR A 291 2.36 10.39 16.03
CA TYR A 291 2.49 11.36 14.95
C TYR A 291 1.44 12.48 15.06
N ILE A 292 0.18 12.06 15.21
CA ILE A 292 -0.91 13.01 15.27
C ILE A 292 -0.78 13.97 16.47
N SER A 293 -0.50 13.43 17.65
CA SER A 293 -0.37 14.30 18.85
C SER A 293 0.80 15.26 18.72
N ARG A 294 1.90 14.76 18.20
CA ARG A 294 3.07 15.57 17.99
C ARG A 294 2.80 16.71 17.02
N THR A 295 2.07 16.41 15.94
CA THR A 295 1.77 17.41 14.93
C THR A 295 0.77 18.44 15.45
N ILE A 296 -0.21 18.00 16.23
CA ILE A 296 -1.17 18.93 16.84
C ILE A 296 -0.43 19.93 17.76
N THR A 297 0.48 19.41 18.57
CA THR A 297 1.30 20.23 19.46
C THR A 297 2.11 21.27 18.68
N GLN A 298 2.71 20.86 17.57
CA GLN A 298 3.46 21.83 16.75
C GLN A 298 2.52 22.93 16.19
N LEU A 299 1.32 22.54 15.78
CA LEU A 299 0.35 23.52 15.25
C LEU A 299 -0.10 24.47 16.37
N GLU A 300 -0.44 23.94 17.53
CA GLU A 300 -0.84 24.80 18.63
C GLU A 300 0.27 25.80 18.95
N LYS A 301 1.53 25.38 18.83
CA LYS A 301 2.64 26.26 19.19
C LYS A 301 3.24 27.02 17.99
N GLY A 302 2.68 26.84 16.80
CA GLY A 302 3.19 27.52 15.61
C GLY A 302 4.57 27.04 15.14
N GLU A 303 4.92 25.80 15.48
CA GLU A 303 6.21 25.21 15.08
C GLU A 303 6.06 24.48 13.76
N PRO A 304 7.20 24.20 13.09
CA PRO A 304 7.15 23.49 11.82
C PRO A 304 6.56 22.09 11.95
N VAL A 305 5.74 21.70 10.98
CA VAL A 305 5.16 20.38 10.96
C VAL A 305 5.66 19.62 9.75
N THR A 306 5.38 18.33 9.73
CA THR A 306 5.74 17.48 8.61
C THR A 306 4.56 16.57 8.26
N GLY A 307 4.50 16.13 7.01
CA GLY A 307 3.45 15.20 6.57
C GLY A 307 2.23 15.87 5.99
N GLN A 308 2.35 17.15 5.65
CA GLN A 308 1.25 17.87 5.10
C GLN A 308 1.07 17.51 3.64
N VAL A 309 -0.17 17.31 3.25
CA VAL A 309 -0.50 16.95 1.91
C VAL A 309 -0.90 18.17 1.12
N ASP A 310 -0.19 18.47 0.05
CA ASP A 310 -0.57 19.61 -0.80
C ASP A 310 -1.85 19.20 -1.51
N ARG A 311 -2.80 20.12 -1.54
CA ARG A 311 -4.09 19.86 -2.18
C ARG A 311 -4.13 20.48 -3.57
N ALA A 312 -3.07 20.23 -4.34
CA ALA A 312 -2.92 20.75 -5.69
C ALA A 312 -4.26 20.90 -6.39
#